data_7TCY
#
_entry.id   7TCY
#
_cell.length_a   53.734
_cell.length_b   88.070
_cell.length_c   26.497
_cell.angle_alpha   90.000
_cell.angle_beta   90.000
_cell.angle_gamma   90.000
#
_symmetry.space_group_name_H-M   'P 21 21 2'
#
loop_
_entity.id
_entity.type
_entity.pdbx_description
1 polymer 'Non-receptor tyrosine-protein kinase TNK1'
2 non-polymer 'FORMIC ACID'
3 non-polymer 'PHOSPHATE ION'
4 non-polymer 'MAGNESIUM ION'
5 non-polymer 'CHLORIDE ION'
6 water water
#
_entity_poly.entity_id   1
_entity_poly.type   'polypeptide(L)'
_entity_poly.pdbx_seq_one_letter_code
;GELQRKIMEVELSVHGVTHQEAQTALGATGGDVVSAIRNLKVDQLFHLSSRSRADAWRILEHYQWDLSAASRYVLARP
;
_entity_poly.pdbx_strand_id   A,B
#
loop_
_chem_comp.id
_chem_comp.type
_chem_comp.name
_chem_comp.formula
CL non-polymer 'CHLORIDE ION' 'Cl -1'
FMT non-polymer 'FORMIC ACID' 'C H2 O2'
MG non-polymer 'MAGNESIUM ION' 'Mg 2'
PO4 non-polymer 'PHOSPHATE ION' 'O4 P -3'
#
# COMPACT_ATOMS: atom_id res chain seq x y z
N GLY A 1 10.96 -5.70 -17.60
CA GLY A 1 9.53 -5.94 -17.55
C GLY A 1 8.91 -5.40 -16.27
N GLU A 2 7.64 -5.78 -16.03
CA GLU A 2 6.93 -5.29 -14.86
C GLU A 2 7.69 -5.60 -13.58
N LEU A 3 8.19 -6.83 -13.46
CA LEU A 3 8.79 -7.24 -12.21
C LEU A 3 10.06 -6.44 -11.91
N GLN A 4 10.90 -6.24 -12.91
CA GLN A 4 12.13 -5.42 -12.76
C GLN A 4 11.72 -3.99 -12.38
N ARG A 5 10.69 -3.46 -13.02
CA ARG A 5 10.26 -2.08 -12.74
C ARG A 5 9.78 -2.01 -11.29
N LYS A 6 9.05 -3.02 -10.84
CA LYS A 6 8.51 -3.01 -9.49
C LYS A 6 9.62 -3.05 -8.45
N ILE A 7 10.63 -3.91 -8.65
CA ILE A 7 11.72 -3.99 -7.69
C ILE A 7 12.45 -2.66 -7.62
N MET A 8 12.70 -2.05 -8.79
CA MET A 8 13.36 -0.76 -8.82
C MET A 8 12.55 0.28 -8.08
N GLU A 9 11.24 0.32 -8.30
CA GLU A 9 10.35 1.29 -7.62
C GLU A 9 10.48 1.09 -6.12
N VAL A 10 10.48 -0.13 -5.62
CA VAL A 10 10.54 -0.34 -4.18
C VAL A 10 11.85 0.20 -3.64
N GLU A 11 12.96 -0.18 -4.29
CA GLU A 11 14.28 0.21 -3.84
C GLU A 11 14.45 1.72 -3.84
N LEU A 12 13.88 2.41 -4.84
CA LEU A 12 14.03 3.86 -4.91
C LEU A 12 13.12 4.62 -3.96
N SER A 13 12.07 3.98 -3.46
CA SER A 13 11.06 4.61 -2.62
C SER A 13 11.40 4.57 -1.14
N VAL A 14 12.38 3.78 -0.72
CA VAL A 14 12.70 3.62 0.68
C VAL A 14 14.19 3.83 0.88
N HIS A 15 14.54 4.91 1.57
CA HIS A 15 15.94 5.17 1.86
C HIS A 15 16.57 4.00 2.61
N GLY A 16 17.76 3.60 2.17
CA GLY A 16 18.55 2.60 2.85
C GLY A 16 18.34 1.16 2.42
N VAL A 17 17.33 0.88 1.60
CA VAL A 17 16.97 -0.49 1.27
CA VAL A 17 16.98 -0.50 1.27
C VAL A 17 17.90 -1.02 0.18
N THR A 18 18.32 -2.28 0.34
CA THR A 18 19.12 -2.95 -0.68
C THR A 18 18.23 -3.61 -1.74
N HIS A 19 18.83 -3.95 -2.88
CA HIS A 19 18.12 -4.70 -3.91
C HIS A 19 17.56 -6.01 -3.37
N GLN A 20 18.36 -6.70 -2.54
CA GLN A 20 17.91 -7.95 -1.94
C GLN A 20 16.71 -7.72 -1.03
N GLU A 21 16.76 -6.69 -0.19
CA GLU A 21 15.63 -6.43 0.70
C GLU A 21 14.38 -6.09 -0.09
N ALA A 22 14.53 -5.33 -1.19
CA ALA A 22 13.39 -4.99 -2.04
C ALA A 22 12.78 -6.24 -2.63
N GLN A 23 13.61 -7.15 -3.15
CA GLN A 23 13.08 -8.39 -3.73
C GLN A 23 12.37 -9.24 -2.70
N THR A 24 12.98 -9.40 -1.52
CA THR A 24 12.34 -10.18 -0.47
C THR A 24 11.00 -9.57 -0.07
N ALA A 25 10.95 -8.25 0.07
CA ALA A 25 9.71 -7.60 0.49
C ALA A 25 8.63 -7.75 -0.59
N LEU A 26 9.02 -7.63 -1.85
CA LEU A 26 8.02 -7.76 -2.85
C LEU A 26 7.58 -9.18 -3.07
N GLY A 27 8.46 -10.15 -2.84
CA GLY A 27 8.01 -11.53 -2.87
C GLY A 27 6.99 -11.81 -1.78
N ALA A 28 7.19 -11.22 -0.60
CA ALA A 28 6.27 -11.47 0.50
C ALA A 28 4.90 -10.85 0.26
N THR A 29 4.81 -9.82 -0.58
CA THR A 29 3.52 -9.21 -0.87
C THR A 29 2.97 -9.65 -2.22
N GLY A 30 3.59 -10.65 -2.85
CA GLY A 30 3.08 -11.09 -4.15
C GLY A 30 3.17 -10.03 -5.21
N GLY A 31 4.18 -9.18 -5.16
CA GLY A 31 4.34 -8.20 -6.19
C GLY A 31 3.56 -6.93 -5.97
N ASP A 32 2.95 -6.76 -4.80
CA ASP A 32 2.21 -5.54 -4.44
C ASP A 32 3.25 -4.50 -3.98
N VAL A 33 3.56 -3.55 -4.86
CA VAL A 33 4.61 -2.56 -4.61
C VAL A 33 4.29 -1.71 -3.40
N VAL A 34 3.04 -1.25 -3.29
CA VAL A 34 2.66 -0.34 -2.21
C VAL A 34 2.81 -1.01 -0.86
N SER A 35 2.43 -2.28 -0.75
CA SER A 35 2.57 -2.96 0.54
C SER A 35 4.03 -3.24 0.84
N ALA A 36 4.83 -3.58 -0.17
CA ALA A 36 6.26 -3.81 0.06
C ALA A 36 6.93 -2.54 0.58
N ILE A 37 6.61 -1.38 -0.03
CA ILE A 37 7.17 -0.09 0.41
C ILE A 37 6.78 0.21 1.84
N ARG A 38 5.49 0.01 2.17
CA ARG A 38 5.04 0.22 3.55
C ARG A 38 5.83 -0.64 4.53
N ASN A 39 5.95 -1.93 4.24
CA ASN A 39 6.61 -2.81 5.18
C ASN A 39 8.07 -2.44 5.32
N LEU A 40 8.71 -2.04 4.22
CA LEU A 40 10.13 -1.67 4.31
C LEU A 40 10.33 -0.36 5.05
N LYS A 41 9.41 0.59 4.87
CA LYS A 41 9.54 1.83 5.62
C LYS A 41 9.44 1.56 7.11
N VAL A 42 8.49 0.71 7.51
CA VAL A 42 8.36 0.38 8.93
C VAL A 42 9.61 -0.29 9.43
N ASP A 43 10.10 -1.25 8.64
CA ASP A 43 11.37 -1.92 9.00
CA ASP A 43 11.36 -1.91 9.03
C ASP A 43 12.54 -0.93 9.21
N GLN A 44 12.70 -0.01 8.25
CA GLN A 44 13.80 0.94 8.36
C GLN A 44 13.65 1.80 9.62
N LEU A 45 12.44 2.28 9.87
CA LEU A 45 12.25 3.14 11.03
C LEU A 45 12.42 2.35 12.32
N PHE A 46 11.93 1.11 12.34
CA PHE A 46 12.10 0.23 13.49
C PHE A 46 13.58 0.04 13.83
N HIS A 47 14.41 -0.20 12.81
CA HIS A 47 15.83 -0.41 13.06
C HIS A 47 16.53 0.89 13.45
N LEU A 48 16.02 2.02 12.98
CA LEU A 48 16.63 3.30 13.34
C LEU A 48 16.26 3.72 14.74
N SER A 49 15.02 3.44 15.16
CA SER A 49 14.45 3.93 16.44
C SER A 49 14.57 2.90 17.56
N SER A 50 14.84 1.65 17.23
CA SER A 50 14.92 0.51 18.18
C SER A 50 13.70 0.44 19.11
N ARG A 51 12.56 0.89 18.61
CA ARG A 51 11.30 0.86 19.31
C ARG A 51 10.64 -0.50 19.04
N SER A 52 9.33 -0.64 19.23
CA SER A 52 8.60 -1.80 18.77
C SER A 52 8.18 -1.58 17.31
N ARG A 53 7.93 -2.69 16.58
CA ARG A 53 7.57 -2.49 15.16
C ARG A 53 6.24 -1.74 15.09
N ALA A 54 5.32 -1.97 16.02
CA ALA A 54 4.01 -1.31 16.02
C ALA A 54 4.21 0.15 16.37
N ASP A 55 5.15 0.47 17.25
CA ASP A 55 5.40 1.87 17.54
C ASP A 55 6.04 2.58 16.36
N ALA A 56 6.91 1.89 15.61
CA ALA A 56 7.44 2.47 14.39
C ALA A 56 6.32 2.73 13.40
N TRP A 57 5.40 1.81 13.25
CA TRP A 57 4.24 2.02 12.34
C TRP A 57 3.47 3.27 12.78
N ARG A 58 3.23 3.42 14.07
CA ARG A 58 2.44 4.55 14.59
C ARG A 58 3.16 5.88 14.34
N ILE A 59 4.48 5.89 14.48
CA ILE A 59 5.26 7.12 14.21
C ILE A 59 5.18 7.45 12.71
N LEU A 60 5.31 6.44 11.86
CA LEU A 60 5.22 6.65 10.40
C LEU A 60 3.84 7.21 10.07
N GLU A 61 2.77 6.67 10.65
CA GLU A 61 1.44 7.21 10.42
C GLU A 61 1.35 8.67 10.84
N HIS A 62 1.90 9.00 12.01
CA HIS A 62 1.84 10.37 12.51
C HIS A 62 2.51 11.33 11.57
N TYR A 63 3.59 10.89 10.93
CA TYR A 63 4.32 11.68 9.94
C TYR A 63 3.79 11.50 8.53
N GLN A 64 2.56 11.02 8.40
CA GLN A 64 1.89 10.95 7.10
C GLN A 64 2.71 10.15 6.09
N TRP A 65 3.35 9.08 6.58
CA TRP A 65 4.02 8.06 5.79
C TRP A 65 5.33 8.57 5.21
N ASP A 66 5.82 9.69 5.72
CA ASP A 66 7.08 10.27 5.25
C ASP A 66 8.20 9.70 6.11
N LEU A 67 8.97 8.78 5.53
CA LEU A 67 10.03 8.14 6.30
C LEU A 67 11.11 9.12 6.72
N SER A 68 11.43 10.10 5.86
N SER A 68 11.44 10.08 5.85
CA SER A 68 12.48 11.05 6.21
CA SER A 68 12.46 11.06 6.21
C SER A 68 12.06 11.90 7.42
C SER A 68 12.04 11.85 7.43
N ALA A 69 10.80 12.33 7.45
CA ALA A 69 10.33 13.12 8.58
C ALA A 69 10.24 12.27 9.85
N ALA A 70 9.75 11.03 9.74
CA ALA A 70 9.69 10.16 10.90
C ALA A 70 11.09 9.85 11.43
N SER A 71 12.05 9.64 10.50
CA SER A 71 13.41 9.32 10.92
C SER A 71 14.06 10.51 11.62
N ARG A 72 13.87 11.71 11.09
CA ARG A 72 14.43 12.89 11.75
C ARG A 72 13.81 13.09 13.13
N TYR A 73 12.53 12.74 13.29
CA TYR A 73 11.91 12.79 14.61
C TYR A 73 12.55 11.81 15.58
N VAL A 74 12.71 10.54 15.19
CA VAL A 74 13.25 9.59 16.16
C VAL A 74 14.71 9.89 16.50
N LEU A 75 15.43 10.55 15.60
CA LEU A 75 16.82 10.87 15.91
C LEU A 75 16.99 12.15 16.70
N ALA A 76 15.95 12.97 16.82
CA ALA A 76 16.07 14.23 17.54
C ALA A 76 16.27 13.99 19.03
N ARG A 77 17.19 14.74 19.62
CA ARG A 77 17.42 14.68 21.06
C ARG A 77 16.60 15.78 21.73
N GLY B 1 7.82 13.05 -9.50
CA GLY B 1 8.38 12.97 -8.16
C GLY B 1 7.66 11.91 -7.34
N GLU B 2 7.97 11.90 -6.04
CA GLU B 2 7.41 10.88 -5.15
C GLU B 2 5.89 10.85 -5.18
N LEU B 3 5.22 12.01 -5.13
CA LEU B 3 3.77 12.00 -5.10
C LEU B 3 3.20 11.49 -6.41
N GLN B 4 3.76 11.91 -7.55
CA GLN B 4 3.31 11.39 -8.83
C GLN B 4 3.45 9.88 -8.87
N ARG B 5 4.57 9.35 -8.34
CA ARG B 5 4.80 7.91 -8.33
C ARG B 5 3.76 7.19 -7.47
N LYS B 6 3.38 7.79 -6.34
CA LYS B 6 2.37 7.18 -5.47
C LYS B 6 1.03 7.11 -6.18
N ILE B 7 0.62 8.22 -6.80
CA ILE B 7 -0.64 8.25 -7.52
CA ILE B 7 -0.65 8.24 -7.53
C ILE B 7 -0.64 7.21 -8.65
N MET B 8 0.48 7.13 -9.41
CA MET B 8 0.57 6.14 -10.47
CA MET B 8 0.54 6.13 -10.46
C MET B 8 0.47 4.73 -9.91
N GLU B 9 1.06 4.49 -8.73
CA GLU B 9 0.96 3.17 -8.11
C GLU B 9 -0.49 2.81 -7.80
N VAL B 10 -1.27 3.77 -7.30
CA VAL B 10 -2.69 3.53 -7.06
C VAL B 10 -3.38 3.15 -8.37
N GLU B 11 -3.14 3.93 -9.42
CA GLU B 11 -3.75 3.69 -10.72
C GLU B 11 -3.37 2.33 -11.29
N LEU B 12 -2.14 1.90 -11.06
CA LEU B 12 -1.70 0.62 -11.59
C LEU B 12 -2.18 -0.55 -10.74
N SER B 13 -2.59 -0.31 -9.52
CA SER B 13 -2.99 -1.39 -8.58
C SER B 13 -4.45 -1.73 -8.76
N VAL B 14 -5.25 -0.79 -9.24
CA VAL B 14 -6.71 -0.98 -9.39
C VAL B 14 -7.07 -0.59 -10.83
N HIS B 15 -7.56 -1.51 -11.62
CA HIS B 15 -7.76 -1.21 -13.03
C HIS B 15 -9.04 -0.40 -13.25
N GLY B 16 -8.92 0.67 -14.04
CA GLY B 16 -10.02 1.58 -14.31
C GLY B 16 -9.98 2.84 -13.48
N VAL B 17 -8.95 3.01 -12.67
CA VAL B 17 -8.86 4.18 -11.76
C VAL B 17 -8.17 5.31 -12.49
N THR B 18 -8.83 6.46 -12.54
CA THR B 18 -8.28 7.67 -13.16
C THR B 18 -7.36 8.39 -12.19
N HIS B 19 -6.58 9.33 -12.68
CA HIS B 19 -5.63 10.12 -11.86
C HIS B 19 -6.42 10.87 -10.79
N GLN B 20 -7.60 11.35 -11.13
CA GLN B 20 -8.42 12.12 -10.17
C GLN B 20 -8.99 11.17 -9.12
N GLU B 21 -9.48 10.00 -9.54
CA GLU B 21 -10.08 9.03 -8.59
C GLU B 21 -8.98 8.58 -7.62
N ALA B 22 -7.77 8.40 -8.12
CA ALA B 22 -6.67 7.99 -7.25
C ALA B 22 -6.41 9.05 -6.20
N GLN B 23 -6.34 10.31 -6.62
CA GLN B 23 -6.09 11.39 -5.67
C GLN B 23 -7.20 11.46 -4.63
N THR B 24 -8.46 11.39 -5.08
CA THR B 24 -9.56 11.47 -4.12
C THR B 24 -9.45 10.36 -3.08
N ALA B 25 -9.13 9.14 -3.53
CA ALA B 25 -9.00 8.00 -2.64
C ALA B 25 -7.91 8.23 -1.61
N LEU B 26 -6.78 8.82 -2.05
CA LEU B 26 -5.68 9.07 -1.13
C LEU B 26 -6.07 10.10 -0.08
N GLY B 27 -6.83 11.12 -0.48
CA GLY B 27 -7.29 12.10 0.49
C GLY B 27 -8.19 11.48 1.53
N ALA B 28 -9.00 10.50 1.14
CA ALA B 28 -9.97 9.89 2.04
C ALA B 28 -9.29 9.09 3.15
N THR B 29 -8.06 8.65 2.95
CA THR B 29 -7.31 7.93 3.96
C THR B 29 -6.18 8.76 4.56
N GLY B 30 -6.16 10.07 4.32
CA GLY B 30 -5.10 10.88 4.88
C GLY B 30 -3.72 10.52 4.37
N GLY B 31 -3.63 10.07 3.12
CA GLY B 31 -2.37 9.76 2.50
C GLY B 31 -1.91 8.32 2.68
N ASP B 32 -2.73 7.45 3.29
CA ASP B 32 -2.40 6.04 3.49
C ASP B 32 -2.68 5.32 2.17
N VAL B 33 -1.61 5.06 1.42
CA VAL B 33 -1.77 4.51 0.08
C VAL B 33 -2.32 3.08 0.12
N VAL B 34 -1.91 2.29 1.11
CA VAL B 34 -2.38 0.92 1.23
C VAL B 34 -3.90 0.92 1.41
N SER B 35 -4.40 1.80 2.30
CA SER B 35 -5.84 1.86 2.57
C SER B 35 -6.60 2.42 1.38
N ALA B 36 -5.98 3.35 0.66
CA ALA B 36 -6.64 3.93 -0.52
C ALA B 36 -6.89 2.85 -1.57
N ILE B 37 -5.89 2.00 -1.82
CA ILE B 37 -6.04 0.91 -2.79
C ILE B 37 -7.11 -0.07 -2.31
N ARG B 38 -7.09 -0.41 -1.02
CA ARG B 38 -8.14 -1.27 -0.48
C ARG B 38 -9.53 -0.69 -0.71
N ASN B 39 -9.70 0.62 -0.47
CA ASN B 39 -11.01 1.23 -0.66
C ASN B 39 -11.43 1.23 -2.13
N LEU B 40 -10.48 1.43 -3.03
CA LEU B 40 -10.84 1.41 -4.45
C LEU B 40 -11.23 0.00 -4.90
N LYS B 41 -10.52 -1.02 -4.38
CA LYS B 41 -10.92 -2.39 -4.68
C LYS B 41 -12.29 -2.71 -4.09
N VAL B 42 -12.56 -2.23 -2.87
CA VAL B 42 -13.89 -2.40 -2.27
C VAL B 42 -14.95 -1.78 -3.15
N ASP B 43 -14.68 -0.58 -3.63
CA ASP B 43 -15.64 0.10 -4.55
CA ASP B 43 -15.65 0.07 -4.54
C ASP B 43 -16.02 -0.76 -5.77
N GLN B 44 -15.05 -1.47 -6.31
CA GLN B 44 -15.29 -2.30 -7.48
C GLN B 44 -16.12 -3.53 -7.10
N LEU B 45 -15.74 -4.20 -6.03
CA LEU B 45 -16.46 -5.40 -5.59
C LEU B 45 -17.85 -5.06 -5.12
N PHE B 46 -18.02 -3.87 -4.55
CA PHE B 46 -19.34 -3.48 -3.97
C PHE B 46 -20.42 -3.50 -5.05
N HIS B 47 -20.05 -3.24 -6.28
CA HIS B 47 -20.99 -3.19 -7.41
C HIS B 47 -21.38 -4.58 -7.88
N LEU B 48 -20.69 -5.66 -7.48
CA LEU B 48 -20.95 -7.01 -8.04
C LEU B 48 -22.00 -7.76 -7.24
N SER B 49 -22.28 -7.36 -6.03
CA SER B 49 -23.37 -7.96 -5.24
C SER B 49 -24.19 -6.86 -4.57
N SER B 50 -25.25 -7.23 -3.89
CA SER B 50 -26.05 -6.28 -3.09
C SER B 50 -25.45 -6.18 -1.71
N ARG B 51 -24.30 -6.81 -1.42
CA ARG B 51 -23.78 -6.84 -0.05
C ARG B 51 -23.33 -5.44 0.39
N SER B 52 -23.17 -5.28 1.69
CA SER B 52 -22.73 -4.01 2.25
C SER B 52 -21.26 -3.75 1.91
N ARG B 53 -20.88 -2.47 1.96
CA ARG B 53 -19.50 -2.09 1.67
C ARG B 53 -18.55 -2.60 2.74
N ALA B 54 -18.99 -2.60 4.00
CA ALA B 54 -18.18 -3.19 5.06
C ALA B 54 -18.01 -4.68 4.85
N ASP B 55 -19.07 -5.36 4.42
CA ASP B 55 -18.96 -6.78 4.07
C ASP B 55 -17.99 -6.97 2.92
N ALA B 56 -17.97 -6.03 1.96
CA ALA B 56 -17.07 -6.14 0.82
C ALA B 56 -15.61 -6.07 1.26
N TRP B 57 -15.29 -5.11 2.13
CA TRP B 57 -13.94 -4.98 2.72
C TRP B 57 -13.55 -6.31 3.37
N ARG B 58 -14.44 -6.88 4.17
CA ARG B 58 -14.16 -8.14 4.89
C ARG B 58 -14.01 -9.32 3.92
N ILE B 59 -14.75 -9.32 2.82
CA ILE B 59 -14.65 -10.40 1.81
C ILE B 59 -13.30 -10.28 1.11
N LEU B 60 -12.96 -9.07 0.69
CA LEU B 60 -11.66 -8.85 0.03
C LEU B 60 -10.53 -9.22 1.00
N GLU B 61 -10.66 -8.84 2.25
CA GLU B 61 -9.63 -9.17 3.27
C GLU B 61 -9.48 -10.68 3.34
N HIS B 62 -10.60 -11.41 3.30
CA HIS B 62 -10.59 -12.89 3.37
C HIS B 62 -9.81 -13.47 2.20
N TYR B 63 -9.96 -12.91 1.00
CA TYR B 63 -9.24 -13.37 -0.18
C TYR B 63 -7.94 -12.60 -0.39
N GLN B 64 -7.39 -12.00 0.66
CA GLN B 64 -6.11 -11.32 0.63
C GLN B 64 -6.06 -10.31 -0.51
N TRP B 65 -7.18 -9.60 -0.69
CA TRP B 65 -7.30 -8.47 -1.61
C TRP B 65 -7.21 -8.89 -3.05
N ASP B 66 -7.49 -10.17 -3.32
CA ASP B 66 -7.59 -10.69 -4.70
C ASP B 66 -9.03 -10.45 -5.18
N LEU B 67 -9.23 -9.43 -6.02
CA LEU B 67 -10.58 -9.07 -6.51
C LEU B 67 -11.18 -10.22 -7.33
N SER B 68 -10.33 -11.00 -7.97
CA SER B 68 -10.85 -12.09 -8.84
CA SER B 68 -10.83 -12.11 -8.84
C SER B 68 -11.47 -13.20 -7.99
N ALA B 69 -10.77 -13.59 -6.93
CA ALA B 69 -11.28 -14.61 -6.00
C ALA B 69 -12.52 -14.06 -5.29
N ALA B 70 -12.46 -12.80 -4.85
CA ALA B 70 -13.57 -12.17 -4.11
C ALA B 70 -14.78 -12.06 -5.03
N SER B 71 -14.56 -11.63 -6.27
CA SER B 71 -15.68 -11.47 -7.22
CA SER B 71 -15.67 -11.47 -7.23
C SER B 71 -16.40 -12.81 -7.46
N ARG B 72 -15.63 -13.88 -7.55
CA ARG B 72 -16.19 -15.23 -7.79
C ARG B 72 -17.14 -15.58 -6.66
N TYR B 73 -16.69 -15.37 -5.44
CA TYR B 73 -17.48 -15.69 -4.24
C TYR B 73 -18.78 -14.90 -4.21
N VAL B 74 -18.70 -13.59 -4.40
CA VAL B 74 -19.91 -12.73 -4.27
C VAL B 74 -20.91 -13.08 -5.38
N LEU B 75 -20.42 -13.48 -6.55
CA LEU B 75 -21.32 -13.76 -7.68
C LEU B 75 -21.98 -15.13 -7.53
N ALA B 76 -21.37 -16.04 -6.79
CA ALA B 76 -21.89 -17.42 -6.61
C ALA B 76 -23.09 -17.45 -5.67
N ARG B 77 -23.18 -16.54 -4.71
CA ARG B 77 -24.32 -16.52 -3.80
C ARG B 77 -24.69 -15.09 -3.45
C FMT C . 5.17 -7.96 -18.27
O1 FMT C . 6.29 -7.36 -18.40
O2 FMT C . 4.84 -8.94 -17.52
H FMT C . 4.31 -7.55 -18.95
P PO4 D . 21.02 -9.32 -5.09
O1 PO4 D . 21.07 -8.50 -6.35
O2 PO4 D . 19.58 -9.37 -4.64
O3 PO4 D . 21.87 -8.68 -4.03
O4 PO4 D . 21.55 -10.71 -5.36
MG MG E . 19.64 -10.26 -7.98
C FMT F . 13.18 -7.76 12.06
O1 FMT F . 13.05 -8.01 10.83
O2 FMT F . 13.10 -8.53 13.08
H FMT F . 13.43 -6.64 12.32
CL CL G . 3.95 3.95 2.81
CL CL H . 12.28 19.38 12.73
C FMT I . 9.73 -9.02 -15.54
O1 FMT I . 10.61 -8.10 -15.55
O2 FMT I . 8.46 -8.94 -15.45
H FMT I . 10.14 -10.11 -15.65
C FMT J . -12.94 -19.87 0.39
O1 FMT J . -14.00 -20.11 1.05
O2 FMT J . -11.80 -19.45 0.79
H FMT J . -13.01 -20.08 -0.77
#